data_2EZV
#
_entry.id   2EZV
#
_cell.length_a   85.600
_cell.length_b   85.600
_cell.length_c   202.400
_cell.angle_alpha   90.00
_cell.angle_beta   90.00
_cell.angle_gamma   120.00
#
_symmetry.space_group_name_H-M   'P 32 2 1'
#
loop_
_entity.id
_entity.type
_entity.pdbx_description
1 polymer "5'-D(*TP*GP*GP*CP*CP*AP*AP*CP*AP*AP*GP*GP*CP*CP*T)-3'"
2 polymer "5'-D(*AP*GP*GP*CP*CP*TP*TP*GP*TP*TP*GP*GP*CP*CP*A)-3'"
3 polymer 'Type II restriction enzyme SfiI'
4 non-polymer 'CALCIUM ION'
5 water water
#
loop_
_entity_poly.entity_id
_entity_poly.type
_entity_poly.pdbx_seq_one_letter_code
_entity_poly.pdbx_strand_id
1 'polydeoxyribonucleotide'
;(DA)(DT)(DG)(DT)(DG)(DG)(DC)(DC)(DA)(DA)(DC)(DA)(DA)(DG)(DG)(DC)(DC)(DT)(DA)(DT)
(DT)
;
F
2 'polydeoxyribonucleotide'
;(DA)(DA)(DT)(DA)(DG)(DG)(DC)(DC)(DT)(DT)(DG)(DT)(DT)(DG)(DG)(DC)(DC)(DA)(DC)(DA)
(DT)
;
G
3 'polypeptide(L)'
;MHQDYRELSLDELESVEKQTLRTIVQALQQYSKEAKSIFETTAADSSGEVIVLAEDITQYALEVAETYPINRRFAGFIDY
KRVRWLPSPHGLLPQVLLVDAKASTEKNRDTLQRSQLPMDAEFRNTSSGEVVTMEAGVIPHLMLQSANDGVLPAVTTSIF
VHFYYRELKDVEGRYRELKSIYVLSLPHARLKQRYNPDPDTSFFGAGKHSPARGEVARIRVYFDRLKEACPWRLQELHYS
ADSEYTQPRWRDLNDAGHEVTKEFLFLER
;
A,B
#
loop_
_chem_comp.id
_chem_comp.type
_chem_comp.name
_chem_comp.formula
CA non-polymer 'CALCIUM ION' 'Ca 2'
DA DNA linking 2'-DEOXYADENOSINE-5'-MONOPHOSPHATE 'C10 H14 N5 O6 P'
DC DNA linking 2'-DEOXYCYTIDINE-5'-MONOPHOSPHATE 'C9 H14 N3 O7 P'
DG DNA linking 2'-DEOXYGUANOSINE-5'-MONOPHOSPHATE 'C10 H14 N5 O7 P'
DT DNA linking THYMIDINE-5'-MONOPHOSPHATE 'C10 H15 N2 O8 P'
#
# COMPACT_ATOMS: atom_id res chain seq x y z
N MET C 1 -16.81 14.85 28.45
CA MET C 1 -16.10 14.31 27.26
C MET C 1 -15.23 15.35 26.59
N HIS C 2 -14.31 14.88 25.75
CA HIS C 2 -13.39 15.76 25.05
C HIS C 2 -13.28 15.41 23.58
N GLN C 3 -12.77 16.35 22.81
CA GLN C 3 -12.54 16.17 21.39
C GLN C 3 -11.05 16.37 21.14
N ASP C 4 -10.41 17.14 22.01
CA ASP C 4 -8.98 17.44 21.94
C ASP C 4 -8.24 16.48 22.89
N TYR C 5 -7.49 15.54 22.34
CA TYR C 5 -6.75 14.54 23.13
C TYR C 5 -5.78 15.18 24.14
N ARG C 6 -5.32 16.39 23.84
CA ARG C 6 -4.41 17.06 24.75
C ARG C 6 -5.07 17.35 26.10
N GLU C 7 -6.40 17.43 26.10
CA GLU C 7 -7.16 17.67 27.32
C GLU C 7 -7.24 16.41 28.19
N LEU C 8 -6.91 15.25 27.62
CA LEU C 8 -6.96 13.99 28.38
C LEU C 8 -5.75 13.80 29.27
N SER C 9 -5.95 13.09 30.38
CA SER C 9 -4.84 12.79 31.28
C SER C 9 -4.01 11.75 30.54
N LEU C 10 -2.80 11.50 31.02
CA LEU C 10 -1.92 10.54 30.38
C LEU C 10 -2.52 9.13 30.46
N ASP C 11 -3.09 8.78 31.61
CA ASP C 11 -3.69 7.45 31.79
C ASP C 11 -4.83 7.20 30.79
N GLU C 12 -5.60 8.26 30.51
CA GLU C 12 -6.72 8.17 29.57
C GLU C 12 -6.20 8.04 28.16
N LEU C 13 -5.14 8.77 27.85
CA LEU C 13 -4.55 8.72 26.52
C LEU C 13 -4.06 7.29 26.28
N GLU C 14 -3.48 6.68 27.31
CA GLU C 14 -3.00 5.32 27.18
C GLU C 14 -4.17 4.37 26.92
N SER C 15 -5.33 4.65 27.52
CA SER C 15 -6.48 3.80 27.33
C SER C 15 -6.93 3.81 25.87
N VAL C 16 -6.73 4.92 25.18
CA VAL C 16 -7.14 4.95 23.77
C VAL C 16 -6.20 4.11 22.90
N GLU C 17 -4.91 4.16 23.20
CA GLU C 17 -3.93 3.36 22.45
C GLU C 17 -4.19 1.88 22.73
N LYS C 18 -4.50 1.57 23.98
CA LYS C 18 -4.75 0.22 24.41
C LYS C 18 -5.98 -0.36 23.71
N GLN C 19 -7.06 0.42 23.65
CA GLN C 19 -8.26 -0.07 22.99
C GLN C 19 -8.05 -0.15 21.48
N THR C 20 -7.16 0.69 20.95
CA THR C 20 -6.85 0.66 19.51
C THR C 20 -6.11 -0.65 19.23
N LEU C 21 -5.21 -1.00 20.13
CA LEU C 21 -4.42 -2.23 20.01
C LEU C 21 -5.28 -3.50 20.15
N ARG C 22 -6.22 -3.48 21.09
CA ARG C 22 -7.09 -4.63 21.30
C ARG C 22 -7.92 -4.94 20.05
N THR C 23 -8.39 -3.89 19.37
CA THR C 23 -9.20 -4.05 18.17
C THR C 23 -8.37 -4.70 17.07
N ILE C 24 -7.14 -4.23 16.93
CA ILE C 24 -6.23 -4.74 15.92
C ILE C 24 -5.84 -6.21 16.18
N VAL C 25 -5.65 -6.58 17.44
CA VAL C 25 -5.28 -7.96 17.74
C VAL C 25 -6.40 -8.93 17.37
N GLN C 26 -7.65 -8.49 17.53
CA GLN C 26 -8.76 -9.35 17.16
C GLN C 26 -8.78 -9.54 15.65
N ALA C 27 -8.51 -8.44 14.94
CA ALA C 27 -8.51 -8.44 13.48
C ALA C 27 -7.49 -9.44 12.92
N LEU C 28 -6.27 -9.38 13.43
CA LEU C 28 -5.22 -10.28 12.97
C LEU C 28 -5.53 -11.71 13.43
N GLN C 29 -6.11 -11.84 14.62
CA GLN C 29 -6.44 -13.16 15.13
C GLN C 29 -7.45 -13.80 14.20
N GLN C 30 -8.49 -13.05 13.88
CA GLN C 30 -9.53 -13.60 13.02
C GLN C 30 -9.09 -13.82 11.58
N TYR C 31 -8.02 -13.13 11.19
CA TYR C 31 -7.45 -13.26 9.85
C TYR C 31 -6.23 -14.17 9.85
N SER C 32 -5.86 -14.68 11.03
CA SER C 32 -4.67 -15.53 11.15
C SER C 32 -4.63 -16.78 10.26
N LYS C 33 -5.77 -17.45 10.10
CA LYS C 33 -5.81 -18.63 9.27
C LYS C 33 -5.43 -18.30 7.83
N GLU C 34 -6.00 -17.23 7.29
CA GLU C 34 -5.69 -16.85 5.91
C GLU C 34 -4.29 -16.27 5.81
N ALA C 35 -3.87 -15.56 6.86
CA ALA C 35 -2.55 -14.95 6.89
C ALA C 35 -1.48 -16.02 6.77
N LYS C 36 -1.74 -17.15 7.43
CA LYS C 36 -0.83 -18.27 7.42
C LYS C 36 -0.69 -18.81 6.01
N SER C 37 -1.82 -18.97 5.33
CA SER C 37 -1.81 -19.48 3.96
C SER C 37 -1.05 -18.56 3.01
N ILE C 38 -1.39 -17.27 3.04
CA ILE C 38 -0.74 -16.29 2.17
C ILE C 38 0.75 -16.17 2.45
N PHE C 39 1.12 -16.14 3.73
CA PHE C 39 2.53 -16.01 4.08
C PHE C 39 3.36 -17.22 3.69
N GLU C 40 2.87 -18.42 3.98
CA GLU C 40 3.63 -19.63 3.69
C GLU C 40 3.56 -20.22 2.29
N THR C 41 2.46 -20.04 1.58
CA THR C 41 2.36 -20.65 0.27
C THR C 41 2.53 -19.75 -0.95
N THR C 42 2.73 -18.46 -0.74
CA THR C 42 2.91 -17.54 -1.87
C THR C 42 4.35 -17.60 -2.39
N ALA C 43 4.49 -18.03 -3.64
CA ALA C 43 5.80 -18.15 -4.28
C ALA C 43 6.65 -16.88 -4.20
N ALA C 44 7.94 -17.08 -3.99
CA ALA C 44 8.87 -15.97 -3.87
C ALA C 44 9.26 -15.36 -5.22
N ASP C 45 9.15 -14.04 -5.29
CA ASP C 45 9.51 -13.31 -6.49
C ASP C 45 10.67 -12.41 -6.10
N SER C 46 11.86 -12.77 -6.58
CA SER C 46 13.08 -12.00 -6.31
C SER C 46 13.47 -11.95 -4.83
N SER C 47 12.95 -12.85 -4.02
CA SER C 47 13.27 -12.84 -2.59
C SER C 47 12.78 -11.52 -2.02
N GLY C 48 12.91 -11.33 -0.71
CA GLY C 48 12.44 -10.10 -0.13
C GLY C 48 10.94 -10.00 -0.34
N GLU C 49 10.32 -11.14 -0.63
CA GLU C 49 8.89 -11.23 -0.88
C GLU C 49 8.09 -11.12 0.42
N VAL C 50 8.66 -11.62 1.53
CA VAL C 50 8.00 -11.57 2.83
C VAL C 50 7.64 -10.13 3.18
N ILE C 51 8.38 -9.19 2.57
CA ILE C 51 8.13 -7.78 2.81
C ILE C 51 6.70 -7.43 2.41
N VAL C 52 6.35 -7.73 1.16
CA VAL C 52 5.03 -7.42 0.64
C VAL C 52 3.96 -8.32 1.25
N LEU C 53 4.37 -9.51 1.66
CA LEU C 53 3.44 -10.44 2.27
C LEU C 53 2.95 -9.83 3.59
N ALA C 54 3.90 -9.33 4.36
CA ALA C 54 3.61 -8.74 5.66
C ALA C 54 2.75 -7.49 5.52
N GLU C 55 3.07 -6.64 4.55
CA GLU C 55 2.29 -5.42 4.33
C GLU C 55 0.87 -5.74 3.89
N ASP C 56 0.72 -6.61 2.91
CA ASP C 56 -0.60 -7.00 2.40
C ASP C 56 -1.48 -7.69 3.44
N ILE C 57 -0.91 -8.64 4.20
CA ILE C 57 -1.68 -9.35 5.22
C ILE C 57 -2.27 -8.34 6.21
N THR C 58 -1.40 -7.44 6.64
CA THR C 58 -1.77 -6.41 7.60
C THR C 58 -2.95 -5.58 7.11
N GLN C 59 -2.96 -5.25 5.83
CA GLN C 59 -4.04 -4.44 5.26
C GLN C 59 -5.36 -5.19 5.17
N TYR C 60 -5.32 -6.42 4.69
CA TYR C 60 -6.54 -7.21 4.56
C TYR C 60 -7.17 -7.51 5.92
N ALA C 61 -6.31 -7.76 6.90
CA ALA C 61 -6.78 -8.05 8.23
C ALA C 61 -7.40 -6.83 8.92
N LEU C 62 -6.78 -5.66 8.72
CA LEU C 62 -7.28 -4.46 9.39
C LEU C 62 -8.31 -3.59 8.66
N GLU C 63 -8.26 -3.56 7.32
CA GLU C 63 -9.21 -2.72 6.59
C GLU C 63 -10.65 -3.14 6.83
N VAL C 64 -10.80 -4.30 7.47
CA VAL C 64 -12.09 -4.89 7.76
C VAL C 64 -12.59 -4.56 9.17
N ALA C 65 -11.73 -3.95 9.98
CA ALA C 65 -12.10 -3.64 11.36
C ALA C 65 -11.97 -2.15 11.68
N GLU C 66 -12.22 -1.30 10.70
CA GLU C 66 -12.13 0.15 10.91
C GLU C 66 -13.34 0.75 11.60
N THR C 67 -13.26 2.05 11.87
CA THR C 67 -14.34 2.77 12.52
C THR C 67 -14.59 4.12 11.83
N TYR C 68 -15.80 4.65 12.05
CA TYR C 68 -16.26 5.95 11.58
C TYR C 68 -15.19 6.76 10.84
N PRO C 69 -15.07 6.59 9.51
CA PRO C 69 -14.07 7.32 8.70
C PRO C 69 -14.23 8.83 8.63
N ILE C 70 -13.09 9.52 8.59
CA ILE C 70 -13.09 10.97 8.47
C ILE C 70 -12.63 11.25 7.06
N ASN C 71 -13.22 12.26 6.44
CA ASN C 71 -12.90 12.62 5.07
C ASN C 71 -11.61 13.42 4.98
N ARG C 72 -10.49 12.71 5.17
CA ARG C 72 -9.16 13.32 5.11
C ARG C 72 -8.16 12.16 5.08
N ARG C 73 -7.25 12.17 4.11
CA ARG C 73 -6.26 11.11 3.99
C ARG C 73 -4.88 11.55 4.44
N PHE C 74 -4.04 10.55 4.71
CA PHE C 74 -2.67 10.73 5.16
C PHE C 74 -1.78 9.97 4.17
N ALA C 75 -0.87 10.68 3.50
CA ALA C 75 0.03 10.02 2.55
C ALA C 75 1.45 10.06 3.11
N GLY C 76 2.21 8.98 2.91
CA GLY C 76 3.57 8.97 3.42
C GLY C 76 4.19 7.59 3.63
N PHE C 77 5.34 7.57 4.30
CA PHE C 77 6.06 6.33 4.56
C PHE C 77 5.54 5.52 5.73
N ILE C 78 4.29 5.08 5.63
CA ILE C 78 3.68 4.24 6.65
C ILE C 78 2.73 3.30 5.92
N ASP C 79 2.96 2.00 6.09
CA ASP C 79 2.18 0.98 5.41
C ASP C 79 0.66 1.15 5.45
N TYR C 80 0.08 1.32 6.64
CA TYR C 80 -1.36 1.43 6.80
C TYR C 80 -1.77 2.68 7.57
N LYS C 81 -2.67 3.47 7.00
CA LYS C 81 -3.10 4.69 7.68
C LYS C 81 -4.53 5.08 7.36
N ARG C 82 -5.27 5.45 8.39
CA ARG C 82 -6.66 5.87 8.24
C ARG C 82 -6.95 6.96 9.28
N VAL C 83 -7.60 8.04 8.85
CA VAL C 83 -7.99 9.12 9.75
C VAL C 83 -9.44 8.73 10.09
N ARG C 84 -9.81 8.82 11.35
CA ARG C 84 -11.15 8.40 11.75
C ARG C 84 -11.54 8.89 13.13
N TRP C 85 -12.77 8.58 13.54
CA TRP C 85 -13.23 8.92 14.88
C TRP C 85 -13.18 7.61 15.65
N LEU C 86 -12.74 7.66 16.90
CA LEU C 86 -12.64 6.49 17.74
C LEU C 86 -13.59 6.60 18.92
N PRO C 87 -14.71 5.86 18.88
CA PRO C 87 -15.63 5.98 20.02
C PRO C 87 -14.94 5.60 21.33
N SER C 88 -15.13 6.45 22.34
CA SER C 88 -14.51 6.21 23.63
C SER C 88 -15.28 6.93 24.72
N PRO C 89 -15.17 6.44 25.96
CA PRO C 89 -15.88 7.07 27.08
C PRO C 89 -15.34 8.49 27.34
N HIS C 90 -14.11 8.75 26.90
CA HIS C 90 -13.50 10.06 27.09
C HIS C 90 -13.97 11.03 26.01
N GLY C 91 -14.76 10.52 25.07
CA GLY C 91 -15.27 11.34 23.98
C GLY C 91 -15.05 10.65 22.63
N LEU C 92 -15.68 11.17 21.58
CA LEU C 92 -15.50 10.62 20.24
C LEU C 92 -14.21 11.28 19.79
N LEU C 93 -13.12 10.53 19.85
CA LEU C 93 -11.82 11.08 19.52
C LEU C 93 -11.35 10.96 18.09
N PRO C 94 -10.99 12.10 17.47
CA PRO C 94 -10.51 12.09 16.08
C PRO C 94 -9.11 11.45 16.14
N GLN C 95 -8.86 10.46 15.28
CA GLN C 95 -7.58 9.76 15.35
C GLN C 95 -6.96 9.41 14.01
N VAL C 96 -5.64 9.34 13.99
CA VAL C 96 -4.90 8.95 12.80
C VAL C 96 -4.20 7.65 13.19
N LEU C 97 -4.76 6.52 12.76
CA LEU C 97 -4.16 5.21 13.05
C LEU C 97 -3.02 5.00 12.06
N LEU C 98 -1.82 4.76 12.59
CA LEU C 98 -0.62 4.52 11.77
C LEU C 98 -0.05 3.17 12.17
N VAL C 99 -0.14 2.19 11.28
CA VAL C 99 0.42 0.88 11.60
C VAL C 99 1.41 0.50 10.53
N ASP C 100 2.58 0.04 10.94
CA ASP C 100 3.61 -0.36 10.00
C ASP C 100 3.89 -1.84 10.15
N ALA C 101 4.12 -2.50 9.02
CA ALA C 101 4.38 -3.94 8.98
C ALA C 101 5.87 -4.26 8.85
N LYS C 102 6.27 -5.37 9.46
CA LYS C 102 7.67 -5.80 9.42
C LYS C 102 7.74 -7.32 9.27
N ALA C 103 8.60 -7.79 8.38
CA ALA C 103 8.79 -9.23 8.23
C ALA C 103 10.16 -9.42 8.87
N SER C 104 10.35 -10.48 9.64
CA SER C 104 11.65 -10.67 10.29
C SER C 104 11.91 -12.10 10.74
N THR C 105 13.17 -12.49 10.69
CA THR C 105 13.59 -13.82 11.12
C THR C 105 13.87 -13.75 12.62
N GLU C 106 13.79 -12.55 13.19
CA GLU C 106 14.03 -12.35 14.61
C GLU C 106 12.73 -12.22 15.41
N LYS C 107 12.75 -12.76 16.63
CA LYS C 107 11.60 -12.80 17.52
C LYS C 107 11.51 -11.65 18.52
N ASN C 108 12.62 -10.93 18.72
CA ASN C 108 12.66 -9.81 19.64
C ASN C 108 12.69 -8.55 18.78
N ARG C 109 13.15 -7.44 19.34
CA ARG C 109 13.29 -6.14 18.63
C ARG C 109 12.62 -5.84 17.28
N ASP C 110 12.57 -4.56 16.95
CA ASP C 110 11.99 -4.07 15.70
C ASP C 110 12.80 -2.85 15.24
N THR C 111 12.90 -2.66 13.93
CA THR C 111 13.63 -1.51 13.40
C THR C 111 12.63 -0.46 12.93
N LEU C 112 12.96 0.82 13.14
CA LEU C 112 12.10 1.91 12.73
C LEU C 112 12.83 3.03 11.99
N GLN C 113 12.20 3.57 10.96
CA GLN C 113 12.80 4.69 10.22
C GLN C 113 12.41 5.88 11.11
N ARG C 114 13.11 7.00 10.99
CA ARG C 114 12.75 8.14 11.82
C ARG C 114 11.30 8.55 11.58
N SER C 115 10.82 8.30 10.36
CA SER C 115 9.47 8.66 9.98
C SER C 115 8.40 7.78 10.63
N GLN C 116 8.82 6.73 11.31
CA GLN C 116 7.87 5.84 11.99
C GLN C 116 8.02 5.98 13.50
N LEU C 117 8.92 6.88 13.93
CA LEU C 117 9.20 7.13 15.34
C LEU C 117 8.19 8.11 15.94
N PRO C 118 7.42 7.67 16.96
CA PRO C 118 6.40 8.45 17.66
C PRO C 118 6.90 9.47 18.69
N MET C 119 8.02 9.19 19.34
CA MET C 119 8.54 10.15 20.32
C MET C 119 10.03 10.36 20.20
N ASP C 120 10.50 11.50 20.69
CA ASP C 120 11.92 11.81 20.67
C ASP C 120 12.61 10.75 21.52
N ALA C 121 13.46 9.98 20.88
CA ALA C 121 14.16 8.90 21.55
C ALA C 121 15.55 9.28 22.06
N GLU C 122 15.98 8.57 23.10
CA GLU C 122 17.29 8.76 23.68
C GLU C 122 17.69 7.51 24.46
N PHE C 123 18.85 6.95 24.14
CA PHE C 123 19.33 5.76 24.83
C PHE C 123 20.86 5.76 24.91
N ARG C 124 21.42 4.82 25.65
CA ARG C 124 22.87 4.72 25.78
C ARG C 124 23.38 3.54 24.97
N ASN C 125 24.21 3.82 23.97
CA ASN C 125 24.76 2.77 23.13
C ASN C 125 25.61 1.83 24.00
N THR C 126 25.32 0.53 23.91
CA THR C 126 26.02 -0.49 24.71
C THR C 126 27.51 -0.65 24.44
N SER C 127 27.96 -0.38 23.22
CA SER C 127 29.37 -0.52 22.91
C SER C 127 30.10 0.82 22.99
N SER C 128 29.43 1.88 22.56
CA SER C 128 30.02 3.20 22.58
C SER C 128 29.89 3.85 23.94
N GLY C 129 28.96 3.35 24.75
CA GLY C 129 28.74 3.91 26.06
C GLY C 129 28.19 5.33 26.00
N GLU C 130 28.10 5.89 24.81
CA GLU C 130 27.59 7.25 24.62
C GLU C 130 26.06 7.30 24.46
N VAL C 131 25.51 8.51 24.56
CA VAL C 131 24.07 8.72 24.44
C VAL C 131 23.66 8.98 22.99
N VAL C 132 22.70 8.21 22.48
CA VAL C 132 22.22 8.39 21.12
C VAL C 132 20.86 9.07 21.17
N THR C 133 20.62 9.94 20.19
CA THR C 133 19.37 10.67 20.16
C THR C 133 18.69 10.74 18.78
N MET C 134 17.37 10.76 18.79
CA MET C 134 16.60 10.84 17.55
C MET C 134 15.26 11.53 17.76
N GLU C 135 15.02 12.58 16.98
CA GLU C 135 13.78 13.34 17.04
C GLU C 135 12.67 12.51 16.38
N ALA C 136 11.48 12.57 16.94
CA ALA C 136 10.35 11.84 16.37
C ALA C 136 10.12 12.30 14.94
N GLY C 137 9.64 11.38 14.11
CA GLY C 137 9.36 11.70 12.72
C GLY C 137 7.85 11.74 12.51
N VAL C 138 7.12 11.13 13.44
CA VAL C 138 5.65 11.08 13.38
C VAL C 138 5.11 12.30 14.10
N ILE C 139 4.19 13.04 13.47
CA ILE C 139 3.60 14.22 14.10
C ILE C 139 2.72 13.77 15.26
N PRO C 140 2.60 14.60 16.31
CA PRO C 140 1.76 14.22 17.44
C PRO C 140 0.27 14.16 17.09
N HIS C 141 -0.11 14.92 16.06
CA HIS C 141 -1.51 14.96 15.62
C HIS C 141 -1.60 15.65 14.28
N LEU C 142 -2.71 15.39 13.59
CA LEU C 142 -2.98 15.97 12.29
C LEU C 142 -4.15 16.91 12.49
N MET C 143 -3.95 18.19 12.20
CA MET C 143 -5.01 19.18 12.37
C MET C 143 -6.10 19.05 11.32
N LEU C 144 -7.36 18.99 11.78
CA LEU C 144 -8.52 18.89 10.89
C LEU C 144 -9.30 20.19 10.99
N GLN C 145 -9.88 20.61 9.86
CA GLN C 145 -10.66 21.84 9.81
C GLN C 145 -12.14 21.59 10.13
N SER C 146 -12.61 22.13 11.25
CA SER C 146 -14.01 21.93 11.62
C SER C 146 -14.88 22.79 10.72
N ALA C 147 -16.15 22.42 10.62
CA ALA C 147 -17.07 23.17 9.78
C ALA C 147 -17.59 24.41 10.51
N ASN C 148 -17.48 24.42 11.83
CA ASN C 148 -18.00 25.54 12.61
C ASN C 148 -16.99 26.35 13.42
N ASP C 149 -15.70 26.08 13.23
CA ASP C 149 -14.69 26.79 14.01
C ASP C 149 -13.26 26.64 13.49
N GLY C 150 -12.33 26.50 14.42
CA GLY C 150 -10.93 26.35 14.09
C GLY C 150 -10.58 24.90 13.88
N VAL C 151 -9.31 24.58 14.14
CA VAL C 151 -8.81 23.24 13.96
C VAL C 151 -9.12 22.29 15.11
N LEU C 152 -9.10 21.01 14.78
CA LEU C 152 -9.36 19.91 15.71
C LEU C 152 -8.24 18.92 15.52
N PRO C 153 -7.41 18.71 16.54
CA PRO C 153 -6.29 17.76 16.39
C PRO C 153 -6.70 16.29 16.42
N ALA C 154 -6.28 15.55 15.40
CA ALA C 154 -6.59 14.12 15.33
C ALA C 154 -5.33 13.40 15.84
N VAL C 155 -5.45 12.78 17.00
CA VAL C 155 -4.32 12.06 17.62
C VAL C 155 -3.74 11.00 16.74
N THR C 156 -2.42 10.91 16.80
CA THR C 156 -1.70 9.92 16.05
C THR C 156 -1.50 8.73 17.01
N THR C 157 -1.73 7.52 16.52
CA THR C 157 -1.58 6.30 17.32
C THR C 157 -0.72 5.29 16.55
N SER C 158 0.47 5.01 17.09
CA SER C 158 1.42 4.11 16.46
C SER C 158 1.30 2.66 16.85
N ILE C 159 1.22 1.81 15.83
CA ILE C 159 1.13 0.36 16.02
C ILE C 159 2.06 -0.33 15.02
N PHE C 160 2.69 -1.42 15.45
CA PHE C 160 3.57 -2.16 14.56
C PHE C 160 3.16 -3.62 14.58
N VAL C 161 3.13 -4.24 13.40
CA VAL C 161 2.75 -5.63 13.27
C VAL C 161 3.99 -6.32 12.74
N HIS C 162 4.49 -7.26 13.53
CA HIS C 162 5.74 -7.95 13.24
C HIS C 162 5.56 -9.44 12.92
N PHE C 163 5.94 -9.83 11.70
CA PHE C 163 5.81 -11.21 11.27
C PHE C 163 7.07 -12.04 11.47
N TYR C 164 7.09 -12.82 12.55
CA TYR C 164 8.24 -13.66 12.87
C TYR C 164 8.14 -14.98 12.09
N TYR C 165 9.06 -15.16 11.16
CA TYR C 165 9.06 -16.35 10.32
C TYR C 165 10.49 -16.86 10.11
N ARG C 166 10.59 -18.06 9.53
CA ARG C 166 11.89 -18.64 9.21
C ARG C 166 11.82 -19.24 7.81
N GLU C 167 12.89 -19.08 7.04
CA GLU C 167 12.93 -19.63 5.70
C GLU C 167 12.74 -21.14 5.85
N LEU C 168 12.22 -21.76 4.81
CA LEU C 168 11.94 -23.19 4.85
C LEU C 168 11.95 -23.62 3.39
N LYS C 169 12.50 -24.78 3.08
CA LYS C 169 12.52 -25.26 1.71
C LYS C 169 12.75 -26.76 1.65
N GLU C 172 7.53 -29.79 1.04
CA GLU C 172 6.11 -29.49 1.14
C GLU C 172 5.73 -28.34 0.19
N GLY C 173 4.44 -28.04 0.13
CA GLY C 173 3.96 -26.97 -0.73
C GLY C 173 4.14 -25.58 -0.14
N ARG C 174 4.77 -25.52 1.03
CA ARG C 174 5.01 -24.26 1.72
C ARG C 174 6.39 -23.75 1.31
N TYR C 175 6.60 -22.43 1.35
CA TYR C 175 7.90 -21.86 0.99
C TYR C 175 8.62 -21.33 2.23
N ARG C 176 7.89 -21.17 3.33
CA ARG C 176 8.46 -20.68 4.58
C ARG C 176 7.45 -20.88 5.70
N GLU C 177 7.85 -20.60 6.93
CA GLU C 177 6.97 -20.79 8.07
C GLU C 177 6.76 -19.53 8.92
N LEU C 178 5.50 -19.14 9.11
CA LEU C 178 5.16 -17.99 9.94
C LEU C 178 5.01 -18.55 11.36
N LYS C 179 5.94 -18.20 12.24
CA LYS C 179 5.88 -18.71 13.61
C LYS C 179 4.86 -17.93 14.44
N SER C 180 4.89 -16.60 14.35
CA SER C 180 3.94 -15.80 15.10
C SER C 180 3.87 -14.34 14.65
N ILE C 181 2.81 -13.68 15.07
CA ILE C 181 2.63 -12.28 14.74
C ILE C 181 2.61 -11.46 16.01
N TYR C 182 3.61 -10.61 16.17
CA TYR C 182 3.68 -9.74 17.34
C TYR C 182 3.02 -8.43 16.97
N VAL C 183 2.39 -7.79 17.95
CA VAL C 183 1.73 -6.51 17.70
C VAL C 183 2.20 -5.52 18.78
N LEU C 184 2.77 -4.41 18.34
CA LEU C 184 3.28 -3.39 19.25
C LEU C 184 2.54 -2.06 19.23
N SER C 185 2.31 -1.53 20.42
CA SER C 185 1.68 -0.22 20.62
C SER C 185 2.72 0.73 21.21
N LEU C 186 3.24 1.65 20.39
CA LEU C 186 4.23 2.60 20.86
C LEU C 186 3.53 3.82 21.42
N PRO C 187 3.94 4.25 22.62
CA PRO C 187 3.34 5.41 23.26
C PRO C 187 3.50 6.74 22.51
N HIS C 188 2.49 7.60 22.66
CA HIS C 188 2.43 8.92 22.04
C HIS C 188 3.51 9.82 22.66
N ALA C 189 3.89 10.88 21.95
CA ALA C 189 4.93 11.80 22.43
C ALA C 189 4.62 12.35 23.82
N ARG C 190 3.34 12.61 24.10
CA ARG C 190 2.95 13.14 25.40
C ARG C 190 3.38 12.24 26.56
N LEU C 191 3.61 10.95 26.29
CA LEU C 191 3.98 9.99 27.31
C LEU C 191 5.49 9.77 27.44
N LYS C 192 6.30 10.61 26.79
CA LYS C 192 7.74 10.46 26.86
C LYS C 192 8.28 10.36 28.29
N GLN C 193 7.83 11.25 29.18
CA GLN C 193 8.31 11.21 30.55
C GLN C 193 7.97 9.91 31.24
N ARG C 194 6.99 9.18 30.72
CA ARG C 194 6.63 7.91 31.32
C ARG C 194 7.43 6.76 30.71
N TYR C 195 7.74 6.85 29.42
CA TYR C 195 8.46 5.75 28.77
C TYR C 195 9.91 5.96 28.39
N ASN C 196 10.33 7.19 28.17
CA ASN C 196 11.72 7.46 27.81
C ASN C 196 12.14 8.82 28.34
N PRO C 197 12.11 9.00 29.66
CA PRO C 197 12.48 10.26 30.32
C PRO C 197 13.97 10.62 30.26
N ASP C 198 14.82 9.60 30.21
CA ASP C 198 16.27 9.81 30.17
C ASP C 198 16.91 8.62 29.46
N PRO C 199 18.13 8.80 28.92
CA PRO C 199 18.85 7.75 28.21
C PRO C 199 18.97 6.38 28.86
N ASP C 200 18.80 6.28 30.17
CA ASP C 200 18.94 4.97 30.81
C ASP C 200 17.63 4.26 31.10
N THR C 201 16.51 4.89 30.75
CA THR C 201 15.19 4.30 30.93
C THR C 201 14.50 4.37 29.57
N SER C 202 14.62 3.31 28.79
CA SER C 202 14.00 3.29 27.47
C SER C 202 14.03 1.92 26.83
N PHE C 203 13.05 1.67 25.95
CA PHE C 203 12.97 0.41 25.23
C PHE C 203 13.60 0.53 23.85
N PHE C 204 14.31 1.64 23.64
CA PHE C 204 14.99 1.91 22.37
C PHE C 204 16.41 1.34 22.40
N GLY C 205 16.98 1.14 21.21
CA GLY C 205 18.31 0.60 21.07
C GLY C 205 18.92 1.00 19.72
N ALA C 206 20.23 0.82 19.57
CA ALA C 206 20.90 1.19 18.34
C ALA C 206 20.20 0.71 17.06
N GLY C 207 20.22 1.57 16.04
CA GLY C 207 19.59 1.27 14.77
C GLY C 207 20.28 0.16 13.97
N LYS C 208 19.69 -0.21 12.85
CA LYS C 208 20.23 -1.27 12.01
C LYS C 208 21.04 -0.69 10.85
N HIS C 209 21.07 0.63 10.75
CA HIS C 209 21.81 1.31 9.70
C HIS C 209 23.31 1.12 9.89
N SER C 210 24.09 1.60 8.92
CA SER C 210 25.55 1.50 8.96
C SER C 210 26.19 2.86 8.99
N PRO C 211 26.60 3.32 10.19
CA PRO C 211 27.24 4.63 10.32
C PRO C 211 28.56 4.67 9.54
N ALA C 212 29.26 3.54 9.51
CA ALA C 212 30.54 3.44 8.80
C ALA C 212 30.30 3.76 7.33
N ARG C 213 29.19 3.28 6.79
CA ARG C 213 28.85 3.54 5.41
C ARG C 213 28.19 4.89 5.27
N GLY C 214 28.02 5.58 6.39
CA GLY C 214 27.38 6.89 6.37
C GLY C 214 25.88 6.86 6.08
N GLU C 215 25.22 5.76 6.42
CA GLU C 215 23.79 5.64 6.20
C GLU C 215 23.03 6.54 7.18
N VAL C 216 21.90 7.07 6.73
CA VAL C 216 21.03 8.00 7.48
C VAL C 216 20.95 7.92 9.00
N ALA C 217 20.53 6.78 9.52
CA ALA C 217 20.38 6.52 10.96
C ALA C 217 18.95 6.11 11.25
N ARG C 218 18.82 4.91 11.79
CA ARG C 218 17.53 4.37 12.15
C ARG C 218 17.58 4.03 13.62
N ILE C 219 16.48 3.50 14.15
CA ILE C 219 16.44 3.15 15.56
C ILE C 219 15.71 1.84 15.79
N ARG C 220 15.87 1.28 16.98
CA ARG C 220 15.23 0.02 17.33
C ARG C 220 14.41 0.11 18.61
N VAL C 221 13.44 -0.79 18.72
CA VAL C 221 12.59 -0.92 19.89
C VAL C 221 12.75 -2.37 20.31
N TYR C 222 13.06 -2.61 21.58
CA TYR C 222 13.24 -3.98 22.06
C TYR C 222 12.02 -4.49 22.80
N PHE C 223 11.49 -5.61 22.31
CA PHE C 223 10.29 -6.22 22.86
C PHE C 223 10.27 -6.40 24.37
N ASP C 224 11.35 -6.94 24.92
CA ASP C 224 11.45 -7.19 26.35
C ASP C 224 11.31 -5.93 27.18
N ARG C 225 11.97 -4.86 26.76
CA ARG C 225 11.90 -3.63 27.51
C ARG C 225 10.54 -2.96 27.36
N LEU C 226 9.95 -3.09 26.18
CA LEU C 226 8.63 -2.52 25.93
C LEU C 226 7.62 -3.23 26.83
N LYS C 227 7.65 -4.56 26.81
CA LYS C 227 6.74 -5.33 27.63
C LYS C 227 6.93 -5.04 29.12
N GLU C 228 8.19 -4.94 29.55
CA GLU C 228 8.48 -4.69 30.95
C GLU C 228 7.97 -3.31 31.37
N ALA C 229 7.98 -2.36 30.45
CA ALA C 229 7.52 -1.00 30.74
C ALA C 229 5.99 -0.94 30.83
N CYS C 230 5.32 -1.83 30.12
CA CYS C 230 3.86 -1.89 30.10
C CYS C 230 3.49 -3.15 29.33
N PRO C 231 3.20 -4.25 30.04
CA PRO C 231 2.85 -5.54 29.44
C PRO C 231 1.84 -5.54 28.29
N TRP C 232 0.81 -4.71 28.36
CA TRP C 232 -0.15 -4.77 27.26
C TRP C 232 0.35 -4.21 25.93
N ARG C 233 1.45 -3.47 25.93
CA ARG C 233 1.94 -2.88 24.68
C ARG C 233 2.64 -3.84 23.74
N LEU C 234 2.87 -5.07 24.18
CA LEU C 234 3.49 -6.08 23.32
C LEU C 234 2.55 -7.27 23.36
N GLN C 235 2.00 -7.61 22.20
CA GLN C 235 1.08 -8.71 22.12
C GLN C 235 1.65 -9.74 21.18
N GLU C 236 1.21 -10.98 21.34
CA GLU C 236 1.70 -12.04 20.48
C GLU C 236 0.63 -13.06 20.12
N LEU C 237 0.55 -13.36 18.83
CA LEU C 237 -0.39 -14.34 18.31
C LEU C 237 0.53 -15.40 17.72
N HIS C 238 0.66 -16.52 18.42
CA HIS C 238 1.56 -17.58 17.99
C HIS C 238 0.85 -18.73 17.31
N TYR C 239 1.55 -19.37 16.38
CA TYR C 239 0.98 -20.53 15.68
C TYR C 239 1.52 -21.82 16.27
N SER C 240 0.62 -22.77 16.50
CA SER C 240 0.97 -24.09 17.02
C SER C 240 0.21 -25.08 16.15
N ALA C 241 0.64 -26.33 16.13
CA ALA C 241 -0.04 -27.33 15.30
C ALA C 241 -1.43 -27.66 15.86
N ASP C 242 -1.83 -26.94 16.91
CA ASP C 242 -3.13 -27.15 17.55
C ASP C 242 -4.27 -26.71 16.64
N SER C 243 -4.16 -25.51 16.07
CA SER C 243 -5.18 -25.00 15.17
C SER C 243 -4.55 -24.25 14.01
N GLU C 244 -5.37 -23.93 13.01
CA GLU C 244 -4.90 -23.22 11.83
C GLU C 244 -4.83 -21.72 12.11
N TYR C 245 -5.50 -21.29 13.16
CA TYR C 245 -5.48 -19.89 13.56
C TYR C 245 -4.44 -19.75 14.65
N THR C 246 -3.95 -18.54 14.87
CA THR C 246 -2.98 -18.31 15.92
C THR C 246 -3.72 -18.54 17.24
N GLN C 247 -2.97 -18.67 18.32
CA GLN C 247 -3.57 -18.87 19.62
C GLN C 247 -4.06 -17.49 20.08
N PRO C 248 -5.38 -17.35 20.30
CA PRO C 248 -5.99 -16.08 20.73
C PRO C 248 -5.63 -15.68 22.17
N ARG C 249 -4.45 -15.10 22.33
CA ARG C 249 -3.99 -14.70 23.65
C ARG C 249 -3.85 -13.20 23.78
N TRP C 250 -4.36 -12.64 24.87
CA TRP C 250 -4.25 -11.20 25.12
C TRP C 250 -3.53 -10.97 26.44
N ARG C 251 -2.41 -10.25 26.38
CA ARG C 251 -1.60 -9.95 27.55
C ARG C 251 -2.06 -8.66 28.19
N ASP C 252 -2.21 -8.68 29.51
CA ASP C 252 -2.71 -7.52 30.24
C ASP C 252 -2.32 -7.71 31.71
N LEU C 253 -2.86 -6.87 32.59
CA LEU C 253 -2.56 -7.02 34.01
C LEU C 253 -3.79 -6.95 34.94
N ASN C 254 -3.70 -7.72 36.02
CA ASN C 254 -4.72 -7.82 37.06
C ASN C 254 -5.31 -6.48 37.47
N ASP C 255 -6.17 -6.54 38.47
CA ASP C 255 -6.63 -5.37 39.18
C ASP C 255 -5.60 -5.21 40.31
N ALA C 256 -4.69 -6.19 40.39
CA ALA C 256 -3.63 -6.20 41.39
C ALA C 256 -2.25 -5.92 40.76
N GLY C 257 -2.25 -5.50 39.49
CA GLY C 257 -0.99 -5.20 38.83
C GLY C 257 -0.19 -6.40 38.33
N HIS C 258 -0.76 -7.59 38.45
CA HIS C 258 -0.07 -8.80 38.00
C HIS C 258 -0.29 -9.03 36.50
N GLU C 259 0.78 -9.42 35.81
CA GLU C 259 0.66 -9.67 34.38
C GLU C 259 -0.04 -10.99 34.10
N VAL C 260 -1.12 -10.91 33.33
CA VAL C 260 -1.89 -12.09 33.00
C VAL C 260 -2.17 -12.19 31.51
N THR C 261 -2.01 -13.39 30.98
CA THR C 261 -2.28 -13.64 29.58
C THR C 261 -3.53 -14.49 29.54
N LYS C 262 -4.58 -13.96 28.92
CA LYS C 262 -5.83 -14.67 28.82
C LYS C 262 -6.14 -15.05 27.38
N GLU C 263 -6.86 -16.16 27.21
CA GLU C 263 -7.25 -16.59 25.89
C GLU C 263 -8.61 -15.94 25.66
N PHE C 264 -8.92 -15.58 24.42
CA PHE C 264 -10.19 -14.92 24.13
C PHE C 264 -10.91 -15.57 22.96
N LEU C 265 -12.21 -15.32 22.87
CA LEU C 265 -13.03 -15.87 21.81
C LEU C 265 -12.88 -15.05 20.53
N PHE C 266 -12.88 -15.73 19.39
CA PHE C 266 -12.79 -15.04 18.11
C PHE C 266 -13.76 -15.65 17.11
N LEU C 267 -14.10 -14.86 16.08
CA LEU C 267 -15.05 -15.27 15.06
C LEU C 267 -14.40 -15.72 13.75
N GLU C 268 -15.17 -16.45 12.94
CA GLU C 268 -14.69 -16.97 11.66
C GLU C 268 -14.33 -15.89 10.64
N ARG C 269 -15.13 -14.82 10.61
CA ARG C 269 -14.93 -13.70 9.68
C ARG C 269 -15.82 -13.90 8.46
N MET D 1 -25.08 -13.96 -22.18
CA MET D 1 -23.82 -13.40 -21.63
C MET D 1 -22.84 -14.47 -21.15
N HIS D 2 -21.63 -14.05 -20.80
CA HIS D 2 -20.60 -14.99 -20.35
C HIS D 2 -20.07 -14.73 -18.94
N GLN D 3 -19.46 -15.77 -18.37
CA GLN D 3 -18.83 -15.66 -17.06
C GLN D 3 -17.34 -15.91 -17.27
N ASP D 4 -17.02 -16.74 -18.27
CA ASP D 4 -15.64 -17.08 -18.61
C ASP D 4 -15.17 -16.10 -19.67
N TYR D 5 -14.22 -15.24 -19.32
CA TYR D 5 -13.72 -14.26 -20.26
C TYR D 5 -13.17 -14.86 -21.55
N ARG D 6 -12.69 -16.10 -21.49
CA ARG D 6 -12.15 -16.74 -22.70
C ARG D 6 -13.22 -16.92 -23.76
N GLU D 7 -14.48 -16.99 -23.36
CA GLU D 7 -15.56 -17.13 -24.32
C GLU D 7 -15.91 -15.78 -24.93
N LEU D 8 -15.28 -14.72 -24.45
CA LEU D 8 -15.54 -13.39 -25.00
C LEU D 8 -14.71 -13.26 -26.26
N SER D 9 -15.21 -12.48 -27.22
CA SER D 9 -14.46 -12.25 -28.44
C SER D 9 -13.39 -11.22 -28.06
N LEU D 10 -12.37 -11.08 -28.90
CA LEU D 10 -11.32 -10.10 -28.64
C LEU D 10 -11.90 -8.69 -28.48
N ASP D 11 -12.82 -8.33 -29.36
CA ASP D 11 -13.41 -7.00 -29.28
C ASP D 11 -14.09 -6.74 -27.94
N GLU D 12 -14.87 -7.71 -27.49
CA GLU D 12 -15.59 -7.60 -26.23
C GLU D 12 -14.59 -7.51 -25.08
N LEU D 13 -13.49 -8.25 -25.20
CA LEU D 13 -12.45 -8.23 -24.18
C LEU D 13 -11.85 -6.84 -24.05
N GLU D 14 -11.53 -6.21 -25.18
CA GLU D 14 -10.95 -4.86 -25.15
C GLU D 14 -11.97 -3.91 -24.54
N SER D 15 -13.24 -4.17 -24.82
CA SER D 15 -14.32 -3.35 -24.33
C SER D 15 -14.36 -3.33 -22.80
N VAL D 16 -14.14 -4.47 -22.16
CA VAL D 16 -14.17 -4.49 -20.71
C VAL D 16 -12.94 -3.79 -20.15
N GLU D 17 -11.84 -3.80 -20.90
CA GLU D 17 -10.65 -3.12 -20.40
C GLU D 17 -10.92 -1.63 -20.52
N LYS D 18 -11.62 -1.26 -21.58
CA LYS D 18 -11.97 0.14 -21.79
C LYS D 18 -12.86 0.70 -20.69
N GLN D 19 -13.90 -0.03 -20.29
CA GLN D 19 -14.78 0.48 -19.25
C GLN D 19 -14.07 0.43 -17.89
N THR D 20 -13.12 -0.48 -17.74
CA THR D 20 -12.35 -0.56 -16.50
C THR D 20 -11.52 0.72 -16.43
N LEU D 21 -10.87 1.04 -17.54
CA LEU D 21 -10.03 2.23 -17.61
C LEU D 21 -10.85 3.50 -17.40
N ARG D 22 -11.98 3.60 -18.09
CA ARG D 22 -12.85 4.77 -17.97
C ARG D 22 -13.23 5.06 -16.53
N THR D 23 -13.64 4.03 -15.81
CA THR D 23 -14.03 4.15 -14.40
C THR D 23 -12.87 4.73 -13.59
N ILE D 24 -11.68 4.19 -13.80
CA ILE D 24 -10.50 4.64 -13.10
C ILE D 24 -10.13 6.10 -13.41
N VAL D 25 -10.39 6.55 -14.64
CA VAL D 25 -10.10 7.94 -15.02
C VAL D 25 -10.99 8.92 -14.27
N GLN D 26 -12.25 8.56 -14.02
CA GLN D 26 -13.16 9.42 -13.28
C GLN D 26 -12.67 9.56 -11.85
N ALA D 27 -12.24 8.44 -11.29
CA ALA D 27 -11.74 8.42 -9.91
C ALA D 27 -10.57 9.38 -9.79
N LEU D 28 -9.57 9.20 -10.66
CA LEU D 28 -8.41 10.07 -10.61
C LEU D 28 -8.82 11.52 -10.88
N GLN D 29 -9.72 11.73 -11.83
CA GLN D 29 -10.17 13.07 -12.14
C GLN D 29 -10.78 13.75 -10.92
N GLN D 30 -11.77 13.11 -10.33
CA GLN D 30 -12.46 13.64 -9.17
C GLN D 30 -11.56 13.75 -7.94
N TYR D 31 -10.44 13.03 -7.96
CA TYR D 31 -9.50 13.06 -6.85
C TYR D 31 -8.28 13.93 -7.17
N SER D 32 -8.25 14.51 -8.38
CA SER D 32 -7.09 15.30 -8.81
C SER D 32 -6.73 16.52 -7.95
N LYS D 33 -7.73 17.23 -7.43
CA LYS D 33 -7.45 18.39 -6.59
C LYS D 33 -6.65 17.98 -5.36
N GLU D 34 -7.16 16.97 -4.65
CA GLU D 34 -6.51 16.47 -3.45
C GLU D 34 -5.19 15.79 -3.78
N ALA D 35 -5.13 15.17 -4.95
CA ALA D 35 -3.91 14.48 -5.37
C ALA D 35 -2.76 15.48 -5.54
N LYS D 36 -3.03 16.59 -6.22
CA LYS D 36 -2.01 17.61 -6.44
C LYS D 36 -1.55 18.12 -5.08
N SER D 37 -2.51 18.42 -4.22
CA SER D 37 -2.20 18.90 -2.88
C SER D 37 -1.29 17.92 -2.14
N ILE D 38 -1.68 16.65 -2.10
CA ILE D 38 -0.89 15.65 -1.42
C ILE D 38 0.47 15.48 -2.10
N PHE D 39 0.45 15.33 -3.42
CA PHE D 39 1.68 15.14 -4.18
C PHE D 39 2.68 16.28 -4.02
N GLU D 40 2.20 17.51 -3.96
CA GLU D 40 3.09 18.65 -3.87
C GLU D 40 3.43 19.17 -2.48
N THR D 41 2.52 19.04 -1.52
CA THR D 41 2.77 19.58 -0.18
C THR D 41 3.30 18.61 0.87
N THR D 42 3.48 17.34 0.50
CA THR D 42 3.97 16.36 1.46
C THR D 42 5.49 16.38 1.60
N ALA D 43 5.96 16.64 2.82
CA ALA D 43 7.39 16.69 3.12
C ALA D 43 8.12 15.49 2.52
N ALA D 44 9.24 15.76 1.86
CA ALA D 44 10.04 14.73 1.20
C ALA D 44 10.86 13.83 2.12
N ASP D 45 11.30 14.36 3.27
CA ASP D 45 12.12 13.57 4.19
C ASP D 45 13.17 12.74 3.43
N SER D 46 13.97 13.43 2.61
CA SER D 46 15.03 12.82 1.82
C SER D 46 14.55 11.81 0.77
N SER D 47 14.44 12.28 -0.48
CA SER D 47 14.03 11.49 -1.64
C SER D 47 13.06 10.34 -1.38
N GLY D 48 12.96 9.46 -2.37
CA GLY D 48 12.10 8.28 -2.29
C GLY D 48 10.61 8.51 -2.08
N GLU D 49 10.26 9.65 -1.51
CA GLU D 49 8.86 9.99 -1.23
C GLU D 49 7.88 9.85 -2.39
N VAL D 50 8.22 10.36 -3.57
CA VAL D 50 7.30 10.30 -4.70
C VAL D 50 6.79 8.91 -5.06
N ILE D 51 7.61 7.89 -4.89
CA ILE D 51 7.18 6.54 -5.22
C ILE D 51 6.00 6.15 -4.31
N VAL D 52 6.11 6.54 -3.05
CA VAL D 52 5.09 6.23 -2.05
C VAL D 52 3.89 7.17 -2.14
N LEU D 53 4.13 8.39 -2.59
CA LEU D 53 3.03 9.34 -2.75
C LEU D 53 2.19 8.90 -3.94
N ALA D 54 2.85 8.46 -5.01
CA ALA D 54 2.14 8.00 -6.19
C ALA D 54 1.23 6.83 -5.86
N GLU D 55 1.73 5.88 -5.08
CA GLU D 55 0.96 4.70 -4.71
C GLU D 55 -0.24 5.06 -3.84
N ASP D 56 0.00 5.87 -2.82
CA ASP D 56 -1.08 6.28 -1.93
C ASP D 56 -2.17 7.07 -2.64
N ILE D 57 -1.78 8.03 -3.49
CA ILE D 57 -2.73 8.85 -4.24
C ILE D 57 -3.62 7.91 -5.04
N THR D 58 -2.99 7.02 -5.80
CA THR D 58 -3.68 6.05 -6.64
C THR D 58 -4.69 5.24 -5.84
N GLN D 59 -4.23 4.72 -4.70
CA GLN D 59 -5.10 3.92 -3.86
C GLN D 59 -6.32 4.71 -3.36
N TYR D 60 -6.09 5.89 -2.81
CA TYR D 60 -7.19 6.71 -2.28
C TYR D 60 -8.15 7.10 -3.38
N ALA D 61 -7.62 7.35 -4.56
CA ALA D 61 -8.44 7.72 -5.70
C ALA D 61 -9.32 6.57 -6.16
N LEU D 62 -8.74 5.37 -6.27
CA LEU D 62 -9.44 4.20 -6.77
C LEU D 62 -10.28 3.34 -5.81
N GLU D 63 -9.84 3.17 -4.57
CA GLU D 63 -10.56 2.31 -3.63
C GLU D 63 -12.00 2.77 -3.42
N VAL D 64 -12.22 4.04 -3.77
CA VAL D 64 -13.51 4.68 -3.60
C VAL D 64 -14.46 4.40 -4.78
N ALA D 65 -13.90 3.88 -5.86
CA ALA D 65 -14.66 3.59 -7.08
C ALA D 65 -14.66 2.11 -7.43
N GLU D 66 -14.62 1.25 -6.42
CA GLU D 66 -14.58 -0.20 -6.65
C GLU D 66 -15.96 -0.80 -6.93
N THR D 67 -15.99 -2.10 -7.29
CA THR D 67 -17.26 -2.78 -7.54
C THR D 67 -17.39 -4.14 -6.87
N TYR D 68 -18.64 -4.60 -6.76
CA TYR D 68 -19.02 -5.90 -6.21
C TYR D 68 -17.83 -6.79 -5.86
N PRO D 69 -17.29 -6.66 -4.64
CA PRO D 69 -16.13 -7.45 -4.21
C PRO D 69 -16.30 -8.98 -4.17
N ILE D 70 -15.21 -9.67 -4.49
CA ILE D 70 -15.19 -11.12 -4.43
C ILE D 70 -14.32 -11.42 -3.22
N ASN D 71 -14.74 -12.42 -2.44
CA ASN D 71 -14.02 -12.81 -1.22
C ASN D 71 -12.75 -13.60 -1.51
N ARG D 72 -11.79 -12.93 -2.14
CA ARG D 72 -10.52 -13.53 -2.50
C ARG D 72 -9.43 -12.47 -2.51
N ARG D 73 -8.33 -12.75 -1.84
CA ARG D 73 -7.22 -11.79 -1.77
C ARG D 73 -5.90 -12.51 -1.97
N PHE D 74 -4.89 -11.77 -2.41
CA PHE D 74 -3.55 -12.33 -2.59
C PHE D 74 -2.51 -11.24 -2.36
N ALA D 75 -1.30 -11.65 -1.97
CA ALA D 75 -0.22 -10.69 -1.73
C ALA D 75 0.70 -10.68 -2.95
N GLY D 76 1.34 -9.55 -3.21
CA GLY D 76 2.21 -9.44 -4.36
C GLY D 76 2.74 -8.02 -4.47
N PHE D 77 3.74 -7.80 -5.31
CA PHE D 77 4.32 -6.47 -5.44
C PHE D 77 3.47 -5.42 -6.15
N ILE D 78 2.40 -5.85 -6.82
CA ILE D 78 1.53 -4.91 -7.48
C ILE D 78 0.94 -4.00 -6.41
N ASP D 79 1.00 -2.70 -6.65
CA ASP D 79 0.52 -1.69 -5.72
C ASP D 79 -0.94 -1.80 -5.30
N TYR D 80 -1.85 -1.81 -6.27
CA TYR D 80 -3.27 -1.86 -5.99
C TYR D 80 -3.91 -3.06 -6.69
N LYS D 81 -4.60 -3.90 -5.93
CA LYS D 81 -5.23 -5.09 -6.50
C LYS D 81 -6.54 -5.43 -5.79
N ARG D 82 -7.51 -5.93 -6.54
CA ARG D 82 -8.78 -6.32 -5.98
C ARG D 82 -9.45 -7.34 -6.90
N VAL D 83 -9.92 -8.43 -6.32
CA VAL D 83 -10.63 -9.46 -7.09
C VAL D 83 -12.10 -9.02 -6.92
N ARG D 84 -12.81 -8.82 -8.03
CA ARG D 84 -14.18 -8.33 -7.97
C ARG D 84 -15.01 -8.77 -9.17
N TRP D 85 -16.31 -8.47 -9.12
CA TRP D 85 -17.22 -8.77 -10.23
C TRP D 85 -17.38 -7.46 -10.99
N LEU D 86 -17.23 -7.52 -12.31
CA LEU D 86 -17.39 -6.33 -13.11
C LEU D 86 -18.66 -6.46 -13.94
N PRO D 87 -19.70 -5.70 -13.58
CA PRO D 87 -20.93 -5.81 -14.38
C PRO D 87 -20.75 -5.21 -15.77
N SER D 88 -21.33 -5.85 -16.78
CA SER D 88 -21.22 -5.36 -18.14
C SER D 88 -22.24 -6.08 -19.01
N PRO D 89 -22.45 -5.60 -20.24
CA PRO D 89 -23.43 -6.29 -21.08
C PRO D 89 -22.92 -7.64 -21.57
N HIS D 90 -21.62 -7.86 -21.45
CA HIS D 90 -21.03 -9.12 -21.90
C HIS D 90 -21.29 -10.19 -20.84
N GLY D 91 -21.67 -9.73 -19.65
CA GLY D 91 -21.93 -10.61 -18.53
C GLY D 91 -21.30 -10.06 -17.27
N LEU D 92 -21.63 -10.64 -16.12
CA LEU D 92 -21.04 -10.19 -14.86
C LEU D 92 -19.69 -10.91 -14.75
N LEU D 93 -18.65 -10.21 -15.17
CA LEU D 93 -17.32 -10.79 -15.21
C LEU D 93 -16.44 -10.73 -13.97
N PRO D 94 -15.96 -11.90 -13.54
CA PRO D 94 -15.09 -11.97 -12.37
C PRO D 94 -13.77 -11.32 -12.86
N GLN D 95 -13.18 -10.43 -12.06
CA GLN D 95 -11.98 -9.75 -12.50
C GLN D 95 -10.96 -9.46 -11.41
N VAL D 96 -9.69 -9.51 -11.77
CA VAL D 96 -8.59 -9.18 -10.85
C VAL D 96 -8.05 -7.85 -11.36
N LEU D 97 -8.44 -6.75 -10.72
CA LEU D 97 -7.95 -5.44 -11.15
C LEU D 97 -6.54 -5.25 -10.64
N LEU D 98 -5.62 -4.95 -11.56
CA LEU D 98 -4.22 -4.72 -11.23
C LEU D 98 -3.79 -3.36 -11.73
N VAL D 99 -3.36 -2.48 -10.84
CA VAL D 99 -2.89 -1.20 -11.30
C VAL D 99 -1.61 -0.86 -10.58
N ASP D 100 -0.69 -0.24 -11.33
CA ASP D 100 0.59 0.10 -10.78
C ASP D 100 0.86 1.57 -10.91
N ALA D 101 1.32 2.17 -9.82
CA ALA D 101 1.63 3.59 -9.78
C ALA D 101 3.11 3.85 -10.06
N LYS D 102 3.38 4.88 -10.86
CA LYS D 102 4.75 5.27 -11.22
C LYS D 102 4.89 6.78 -11.06
N ALA D 103 6.09 7.21 -10.70
CA ALA D 103 6.37 8.62 -10.55
C ALA D 103 7.54 8.86 -11.48
N SER D 104 7.45 9.87 -12.32
CA SER D 104 8.52 10.14 -13.27
C SER D 104 8.58 11.58 -13.67
N THR D 105 9.77 12.00 -14.10
CA THR D 105 10.03 13.35 -14.57
C THR D 105 9.90 13.36 -16.09
N GLU D 106 9.61 12.20 -16.67
CA GLU D 106 9.43 12.08 -18.12
C GLU D 106 7.95 11.87 -18.44
N LYS D 107 7.45 12.57 -19.45
CA LYS D 107 6.05 12.50 -19.87
C LYS D 107 5.80 11.55 -21.03
N ASN D 108 6.67 10.58 -21.20
CA ASN D 108 6.54 9.59 -22.27
C ASN D 108 7.17 8.31 -21.76
N ARG D 109 6.72 7.16 -22.24
CA ARG D 109 7.29 5.89 -21.81
C ARG D 109 7.09 5.57 -20.33
N ASP D 110 7.14 4.29 -20.01
CA ASP D 110 6.99 3.82 -18.64
C ASP D 110 7.83 2.55 -18.53
N THR D 111 8.42 2.31 -17.36
CA THR D 111 9.23 1.12 -17.17
C THR D 111 8.42 0.03 -16.49
N LEU D 112 8.63 -1.21 -16.91
CA LEU D 112 7.91 -2.34 -16.33
C LEU D 112 8.83 -3.47 -15.92
N GLN D 113 8.49 -4.11 -14.80
CA GLN D 113 9.22 -5.27 -14.32
C GLN D 113 8.52 -6.39 -15.09
N ARG D 114 9.14 -7.55 -15.24
CA ARG D 114 8.51 -8.64 -15.96
C ARG D 114 7.25 -9.10 -15.23
N SER D 115 7.22 -8.84 -13.93
CA SER D 115 6.08 -9.22 -13.11
C SER D 115 4.87 -8.31 -13.37
N GLN D 116 5.08 -7.27 -14.17
CA GLN D 116 4.02 -6.33 -14.50
C GLN D 116 3.63 -6.41 -15.97
N LEU D 117 4.43 -7.12 -16.77
CA LEU D 117 4.19 -7.28 -18.20
C LEU D 117 3.00 -8.24 -18.43
N PRO D 118 1.90 -7.73 -19.03
CA PRO D 118 0.66 -8.47 -19.32
C PRO D 118 0.74 -9.53 -20.42
N MET D 119 1.54 -9.28 -21.46
CA MET D 119 1.67 -10.23 -22.56
C MET D 119 3.14 -10.38 -23.00
N ASP D 120 3.46 -11.50 -23.64
CA ASP D 120 4.82 -11.74 -24.12
C ASP D 120 5.22 -10.58 -25.03
N ALA D 121 6.44 -10.08 -24.85
CA ALA D 121 6.92 -8.95 -25.64
C ALA D 121 8.05 -9.33 -26.59
N GLU D 122 8.24 -8.48 -27.60
CA GLU D 122 9.28 -8.67 -28.60
C GLU D 122 9.37 -7.40 -29.46
N PHE D 123 10.59 -6.90 -29.61
CA PHE D 123 10.82 -5.69 -30.39
C PHE D 123 12.26 -5.67 -30.88
N ARG D 124 12.63 -4.68 -31.67
CA ARG D 124 13.99 -4.60 -32.17
C ARG D 124 14.70 -3.46 -31.49
N ASN D 125 15.82 -3.77 -30.84
CA ASN D 125 16.62 -2.75 -30.17
C ASN D 125 17.19 -1.83 -31.25
N THR D 126 16.69 -0.59 -31.27
CA THR D 126 17.11 0.41 -32.25
C THR D 126 18.64 0.58 -32.37
N SER D 127 19.39 0.23 -31.33
CA SER D 127 20.84 0.38 -31.37
C SER D 127 21.56 -0.93 -31.73
N SER D 128 21.09 -2.04 -31.19
CA SER D 128 21.71 -3.33 -31.45
C SER D 128 21.04 -4.04 -32.62
N GLY D 129 20.00 -3.42 -33.18
CA GLY D 129 19.30 -4.01 -34.30
C GLY D 129 18.87 -5.46 -34.11
N GLU D 130 19.00 -5.97 -32.88
CA GLU D 130 18.62 -7.35 -32.61
C GLU D 130 17.20 -7.43 -32.04
N VAL D 131 16.65 -8.64 -32.00
CA VAL D 131 15.30 -8.86 -31.49
C VAL D 131 15.30 -9.21 -30.00
N VAL D 132 14.60 -8.40 -29.20
CA VAL D 132 14.52 -8.61 -27.76
C VAL D 132 13.23 -9.31 -27.37
N THR D 133 13.31 -10.18 -26.37
CA THR D 133 12.15 -10.94 -25.92
C THR D 133 11.98 -10.96 -24.40
N MET D 134 10.72 -11.06 -23.97
CA MET D 134 10.40 -11.10 -22.55
C MET D 134 9.02 -11.73 -22.34
N GLU D 135 8.99 -12.83 -21.59
CA GLU D 135 7.74 -13.51 -21.31
C GLU D 135 6.92 -12.67 -20.34
N ALA D 136 5.60 -12.78 -20.43
CA ALA D 136 4.73 -12.02 -19.55
C ALA D 136 4.85 -12.58 -18.13
N GLY D 137 4.81 -11.68 -17.14
CA GLY D 137 4.92 -12.07 -15.75
C GLY D 137 3.61 -12.03 -14.99
N VAL D 138 2.59 -11.42 -15.58
CA VAL D 138 1.26 -11.33 -14.97
C VAL D 138 0.43 -12.48 -15.50
N ILE D 139 -0.20 -13.23 -14.62
CA ILE D 139 -1.01 -14.36 -15.04
C ILE D 139 -2.23 -13.87 -15.84
N PRO D 140 -2.72 -14.71 -16.76
CA PRO D 140 -3.89 -14.33 -17.57
C PRO D 140 -5.15 -14.23 -16.73
N HIS D 141 -5.19 -14.97 -15.63
CA HIS D 141 -6.37 -14.95 -14.77
C HIS D 141 -6.13 -15.73 -13.48
N LEU D 142 -6.96 -15.45 -12.46
CA LEU D 142 -6.86 -16.14 -11.18
C LEU D 142 -8.07 -17.05 -11.04
N MET D 143 -7.83 -18.35 -10.84
CA MET D 143 -8.93 -19.29 -10.72
C MET D 143 -9.64 -19.15 -9.37
N LEU D 144 -10.95 -19.01 -9.42
CA LEU D 144 -11.77 -18.89 -8.22
C LEU D 144 -12.58 -20.17 -8.05
N GLN D 145 -12.80 -20.58 -6.80
CA GLN D 145 -13.54 -21.80 -6.54
C GLN D 145 -15.03 -21.53 -6.36
N SER D 146 -15.84 -22.00 -7.32
CA SER D 146 -17.27 -21.80 -7.23
C SER D 146 -17.81 -22.75 -6.17
N ALA D 147 -19.00 -22.47 -5.68
CA ALA D 147 -19.61 -23.30 -4.66
C ALA D 147 -20.48 -24.41 -5.23
N ASN D 148 -20.74 -24.35 -6.54
CA ASN D 148 -21.59 -25.36 -7.17
C ASN D 148 -20.95 -26.07 -8.34
N ASP D 149 -19.65 -25.92 -8.50
CA ASP D 149 -18.94 -26.56 -9.61
C ASP D 149 -17.43 -26.57 -9.41
N GLY D 150 -16.71 -26.24 -10.47
CA GLY D 150 -15.27 -26.23 -10.42
C GLY D 150 -14.76 -24.80 -10.36
N VAL D 151 -13.66 -24.54 -11.05
CA VAL D 151 -13.06 -23.24 -11.05
C VAL D 151 -13.64 -22.28 -12.08
N LEU D 152 -13.57 -20.99 -11.75
CA LEU D 152 -14.06 -19.92 -12.61
C LEU D 152 -12.93 -18.90 -12.72
N PRO D 153 -12.40 -18.69 -13.93
CA PRO D 153 -11.31 -17.73 -14.10
C PRO D 153 -11.69 -16.25 -13.93
N ALA D 154 -10.93 -15.54 -13.11
CA ALA D 154 -11.17 -14.12 -12.90
C ALA D 154 -10.14 -13.38 -13.76
N VAL D 155 -10.63 -12.74 -14.82
CA VAL D 155 -9.76 -12.03 -15.74
C VAL D 155 -8.86 -10.98 -15.11
N THR D 156 -7.64 -10.94 -15.61
CA THR D 156 -6.63 -9.99 -15.17
C THR D 156 -6.69 -8.77 -16.06
N THR D 157 -6.75 -7.59 -15.47
CA THR D 157 -6.78 -6.34 -16.23
C THR D 157 -5.66 -5.46 -15.69
N SER D 158 -4.70 -5.14 -16.56
CA SER D 158 -3.55 -4.35 -16.17
C SER D 158 -3.64 -2.86 -16.46
N ILE D 159 -3.40 -2.07 -15.42
CA ILE D 159 -3.45 -0.62 -15.54
C ILE D 159 -2.29 0.11 -14.87
N PHE D 160 -1.85 1.20 -15.51
CA PHE D 160 -0.74 1.99 -14.99
C PHE D 160 -1.06 3.46 -14.86
N VAL D 161 -0.85 4.01 -13.67
CA VAL D 161 -1.09 5.42 -13.40
C VAL D 161 0.31 6.01 -13.30
N HIS D 162 0.63 6.91 -14.23
CA HIS D 162 1.95 7.52 -14.33
C HIS D 162 1.94 9.00 -13.94
N PHE D 163 2.49 9.30 -12.77
CA PHE D 163 2.54 10.66 -12.29
C PHE D 163 3.76 11.40 -12.85
N TYR D 164 3.51 12.24 -13.85
CA TYR D 164 4.54 13.04 -14.49
C TYR D 164 4.73 14.33 -13.69
N TYR D 165 5.91 14.50 -13.09
CA TYR D 165 6.14 15.67 -12.27
C TYR D 165 7.53 16.27 -12.48
N ARG D 166 7.79 17.36 -11.74
CA ARG D 166 9.07 18.04 -11.76
C ARG D 166 9.50 18.29 -10.31
N GLU D 167 10.78 18.11 -10.02
CA GLU D 167 11.29 18.36 -8.69
C GLU D 167 11.53 19.86 -8.51
N LEU D 168 10.91 20.46 -7.51
CA LEU D 168 11.10 21.89 -7.24
C LEU D 168 11.83 21.80 -5.90
N LYS D 169 11.29 20.90 -5.10
CA LYS D 169 11.77 20.61 -3.77
C LYS D 169 11.79 21.83 -2.89
N ASP D 170 11.30 21.64 -1.67
CA ASP D 170 11.24 22.66 -0.62
C ASP D 170 11.39 24.11 -1.13
N VAL D 171 10.47 24.99 -0.77
CA VAL D 171 10.50 26.38 -1.21
C VAL D 171 9.62 27.29 -0.36
N GLU D 172 8.35 26.93 -0.22
CA GLU D 172 7.41 27.71 0.57
C GLU D 172 6.48 26.86 1.43
N GLY D 173 6.00 25.75 0.86
CA GLY D 173 5.11 24.83 1.53
C GLY D 173 4.72 23.87 0.41
N ARG D 174 5.65 23.77 -0.53
CA ARG D 174 5.50 22.95 -1.73
C ARG D 174 6.87 22.36 -2.07
N TYR D 175 6.99 21.03 -2.09
CA TYR D 175 8.27 20.39 -2.37
C TYR D 175 8.43 19.84 -3.77
N ARG D 176 7.37 19.86 -4.56
CA ARG D 176 7.47 19.35 -5.93
C ARG D 176 6.24 19.77 -6.70
N GLU D 177 6.22 19.47 -8.00
CA GLU D 177 5.11 19.87 -8.82
C GLU D 177 4.53 18.76 -9.69
N LEU D 178 3.24 18.50 -9.50
CA LEU D 178 2.54 17.48 -10.27
C LEU D 178 2.07 18.18 -11.54
N LYS D 179 2.53 17.70 -12.69
CA LYS D 179 2.18 18.29 -13.97
C LYS D 179 1.04 17.57 -14.68
N SER D 180 1.09 16.25 -14.70
CA SER D 180 0.07 15.45 -15.36
C SER D 180 0.00 14.03 -14.80
N ILE D 181 -1.16 13.41 -14.95
CA ILE D 181 -1.36 12.02 -14.50
C ILE D 181 -1.80 11.23 -15.74
N TYR D 182 -0.94 10.34 -16.20
CA TYR D 182 -1.28 9.53 -17.36
C TYR D 182 -1.79 8.19 -16.86
N VAL D 183 -2.80 7.65 -17.55
CA VAL D 183 -3.33 6.37 -17.17
C VAL D 183 -3.23 5.45 -18.38
N LEU D 184 -2.61 4.28 -18.19
CA LEU D 184 -2.45 3.34 -19.29
C LEU D 184 -3.15 2.00 -19.07
N SER D 185 -3.72 1.47 -20.15
CA SER D 185 -4.40 0.20 -20.13
C SER D 185 -3.61 -0.73 -21.04
N LEU D 186 -2.95 -1.72 -20.45
CA LEU D 186 -2.17 -2.66 -21.23
C LEU D 186 -3.02 -3.85 -21.63
N PRO D 187 -3.07 -4.14 -22.93
CA PRO D 187 -3.85 -5.26 -23.45
C PRO D 187 -3.55 -6.63 -22.86
N HIS D 188 -4.62 -7.36 -22.57
CA HIS D 188 -4.51 -8.70 -22.00
C HIS D 188 -3.73 -9.60 -22.96
N ALA D 189 -3.11 -10.63 -22.41
CA ALA D 189 -2.34 -11.58 -23.19
C ALA D 189 -3.08 -12.05 -24.44
N ARG D 190 -4.36 -12.36 -24.31
CA ARG D 190 -5.18 -12.84 -25.42
C ARG D 190 -5.15 -11.92 -26.64
N LEU D 191 -4.70 -10.68 -26.43
CA LEU D 191 -4.64 -9.69 -27.49
C LEU D 191 -3.27 -9.50 -28.13
N LYS D 192 -2.36 -10.44 -27.88
CA LYS D 192 -1.02 -10.34 -28.44
C LYS D 192 -0.98 -10.19 -29.95
N GLN D 193 -1.67 -11.07 -30.67
CA GLN D 193 -1.70 -11.00 -32.13
C GLN D 193 -2.08 -9.61 -32.64
N ARG D 194 -2.95 -8.92 -31.91
CA ARG D 194 -3.40 -7.58 -32.29
C ARG D 194 -2.41 -6.46 -31.98
N TYR D 195 -1.72 -6.54 -30.84
CA TYR D 195 -0.79 -5.49 -30.44
C TYR D 195 0.73 -5.78 -30.53
N ASN D 196 1.11 -7.05 -30.66
CA ASN D 196 2.53 -7.40 -30.78
C ASN D 196 2.74 -8.69 -31.55
N PRO D 197 2.39 -8.70 -32.84
CA PRO D 197 2.55 -9.89 -33.69
C PRO D 197 4.01 -10.11 -34.09
N ASP D 198 4.72 -9.03 -34.38
CA ASP D 198 6.12 -9.11 -34.77
C ASP D 198 6.93 -8.00 -34.11
N PRO D 199 8.24 -8.23 -33.89
CA PRO D 199 9.15 -7.27 -33.25
C PRO D 199 9.18 -5.86 -33.82
N ASP D 200 8.67 -5.69 -35.04
CA ASP D 200 8.66 -4.37 -35.64
C ASP D 200 7.29 -3.73 -35.51
N THR D 201 6.39 -4.46 -34.87
CA THR D 201 5.03 -4.00 -34.62
C THR D 201 4.77 -4.12 -33.12
N SER D 202 4.99 -3.02 -32.39
CA SER D 202 4.78 -3.01 -30.95
C SER D 202 5.00 -1.63 -30.33
N PHE D 203 4.64 -1.49 -29.06
CA PHE D 203 4.84 -0.24 -28.34
C PHE D 203 5.89 -0.42 -27.25
N PHE D 204 6.60 -1.55 -27.31
CA PHE D 204 7.64 -1.86 -26.34
C PHE D 204 8.96 -1.21 -26.72
N GLY D 205 9.89 -1.15 -25.75
CA GLY D 205 11.19 -0.55 -26.00
C GLY D 205 12.29 -1.13 -25.14
N ALA D 206 13.50 -0.59 -25.27
CA ALA D 206 14.63 -1.08 -24.49
C ALA D 206 14.41 -0.82 -23.00
N GLY D 207 14.67 -1.84 -22.19
CA GLY D 207 14.51 -1.71 -20.75
C GLY D 207 15.39 -0.66 -20.11
N LYS D 208 15.05 -0.26 -18.88
CA LYS D 208 15.80 0.76 -18.16
C LYS D 208 16.96 0.13 -17.40
N HIS D 209 17.08 -1.19 -17.51
CA HIS D 209 18.15 -1.93 -16.84
C HIS D 209 19.48 -1.69 -17.54
N SER D 210 20.56 -2.04 -16.85
CA SER D 210 21.92 -1.90 -17.38
C SER D 210 22.46 -3.30 -17.66
N PRO D 211 22.46 -3.72 -18.94
CA PRO D 211 22.95 -5.05 -19.31
C PRO D 211 24.45 -5.19 -19.05
N ALA D 212 25.18 -4.08 -19.19
CA ALA D 212 26.62 -4.10 -18.96
C ALA D 212 26.87 -4.51 -17.52
N ARG D 213 26.13 -3.91 -16.59
CA ARG D 213 26.25 -4.21 -15.17
C ARG D 213 25.56 -5.54 -14.84
N GLY D 214 25.07 -6.21 -15.87
CA GLY D 214 24.38 -7.47 -15.67
C GLY D 214 23.17 -7.32 -14.77
N GLU D 215 22.24 -6.47 -15.15
CA GLU D 215 21.02 -6.26 -14.37
C GLU D 215 19.88 -7.13 -14.88
N VAL D 216 18.97 -7.50 -13.97
CA VAL D 216 17.82 -8.36 -14.25
C VAL D 216 17.04 -8.24 -15.56
N ALA D 217 17.07 -7.08 -16.20
CA ALA D 217 16.37 -6.88 -17.48
C ALA D 217 14.88 -6.54 -17.34
N ARG D 218 14.52 -5.38 -17.87
CA ARG D 218 13.15 -4.90 -17.82
C ARG D 218 12.69 -4.55 -19.23
N ILE D 219 11.55 -3.87 -19.32
CA ILE D 219 11.01 -3.47 -20.62
C ILE D 219 10.34 -2.11 -20.51
N ARG D 220 10.22 -1.43 -21.64
CA ARG D 220 9.58 -0.11 -21.68
C ARG D 220 8.36 -0.13 -22.59
N VAL D 221 7.44 0.79 -22.32
CA VAL D 221 6.22 0.95 -23.11
C VAL D 221 6.19 2.41 -23.51
N TYR D 222 6.10 2.71 -24.80
CA TYR D 222 6.08 4.09 -25.21
C TYR D 222 4.70 4.64 -25.48
N PHE D 223 4.39 5.75 -24.81
CA PHE D 223 3.10 6.40 -24.92
C PHE D 223 2.63 6.57 -26.36
N ASP D 224 3.38 7.35 -27.14
CA ASP D 224 3.03 7.62 -28.53
C ASP D 224 2.74 6.35 -29.35
N ARG D 225 3.49 5.28 -29.12
CA ARG D 225 3.27 4.04 -29.86
C ARG D 225 2.02 3.29 -29.36
N LEU D 226 1.64 3.52 -28.12
CA LEU D 226 0.45 2.89 -27.55
C LEU D 226 -0.79 3.63 -28.03
N LYS D 227 -0.72 4.95 -28.01
CA LYS D 227 -1.83 5.78 -28.45
C LYS D 227 -2.12 5.56 -29.92
N GLU D 228 -1.08 5.27 -30.71
CA GLU D 228 -1.26 5.04 -32.13
C GLU D 228 -1.93 3.69 -32.37
N ALA D 229 -1.50 2.68 -31.63
CA ALA D 229 -2.08 1.35 -31.77
C ALA D 229 -3.53 1.38 -31.33
N CYS D 230 -3.84 2.20 -30.32
CA CYS D 230 -5.19 2.31 -29.80
C CYS D 230 -5.28 3.54 -28.90
N PRO D 231 -5.82 4.64 -29.43
CA PRO D 231 -5.97 5.91 -28.72
C PRO D 231 -6.48 5.87 -27.28
N TRP D 232 -7.57 5.14 -27.02
CA TRP D 232 -8.11 5.12 -25.67
C TRP D 232 -7.26 4.44 -24.63
N ARG D 233 -6.30 3.63 -25.05
CA ARG D 233 -5.43 2.95 -24.10
C ARG D 233 -4.43 3.88 -23.44
N LEU D 234 -4.43 5.14 -23.83
CA LEU D 234 -3.53 6.13 -23.24
C LEU D 234 -4.35 7.37 -22.92
N GLN D 235 -4.54 7.63 -21.63
CA GLN D 235 -5.29 8.80 -21.18
C GLN D 235 -4.36 9.78 -20.48
N GLU D 236 -4.77 11.04 -20.43
CA GLU D 236 -3.94 12.05 -19.81
C GLU D 236 -4.77 13.09 -19.08
N LEU D 237 -4.53 13.20 -17.77
CA LEU D 237 -5.22 14.20 -16.95
C LEU D 237 -4.14 15.23 -16.65
N HIS D 238 -4.24 16.38 -17.28
CA HIS D 238 -3.24 17.42 -17.13
C HIS D 238 -3.70 18.60 -16.27
N TYR D 239 -2.77 19.13 -15.48
CA TYR D 239 -3.04 20.28 -14.61
C TYR D 239 -2.59 21.59 -15.27
N SER D 240 -3.40 22.62 -15.13
CA SER D 240 -3.08 23.94 -15.67
C SER D 240 -3.60 24.97 -14.65
N ALA D 241 -3.24 26.23 -14.81
CA ALA D 241 -3.66 27.28 -13.89
C ALA D 241 -5.14 27.64 -13.96
N ASP D 242 -5.89 26.97 -14.84
CA ASP D 242 -7.32 27.24 -14.98
C ASP D 242 -8.18 26.61 -13.90
N SER D 243 -7.69 25.52 -13.31
CA SER D 243 -8.44 24.81 -12.28
C SER D 243 -7.58 24.01 -11.32
N GLU D 244 -8.07 23.82 -10.10
CA GLU D 244 -7.35 23.06 -9.09
C GLU D 244 -7.36 21.57 -9.46
N TYR D 245 -8.37 21.18 -10.22
CA TYR D 245 -8.47 19.78 -10.65
C TYR D 245 -7.84 19.71 -12.02
N THR D 246 -7.58 18.50 -12.48
CA THR D 246 -6.99 18.31 -13.79
C THR D 246 -8.08 18.59 -14.85
N GLN D 247 -7.66 18.72 -16.11
CA GLN D 247 -8.59 18.95 -17.20
C GLN D 247 -9.25 17.61 -17.51
N PRO D 248 -10.57 17.51 -17.30
CA PRO D 248 -11.32 16.27 -17.54
C PRO D 248 -11.38 15.97 -19.05
N ARG D 249 -10.34 15.35 -19.57
CA ARG D 249 -10.30 15.02 -20.99
C ARG D 249 -10.21 13.52 -21.20
N TRP D 250 -11.10 12.98 -22.02
CA TRP D 250 -11.10 11.56 -22.31
C TRP D 250 -10.83 11.35 -23.77
N ARG D 251 -9.83 10.51 -24.06
CA ARG D 251 -9.42 10.18 -25.42
C ARG D 251 -10.07 8.86 -25.82
N ASP D 252 -10.69 8.85 -27.01
CA ASP D 252 -11.37 7.67 -27.50
C ASP D 252 -11.21 7.59 -29.01
N LEU D 253 -11.90 6.64 -29.64
CA LEU D 253 -11.82 6.53 -31.08
C LEU D 253 -13.20 6.33 -31.67
N ASN D 254 -13.50 7.09 -32.73
CA ASN D 254 -14.79 7.01 -33.42
C ASN D 254 -15.11 5.60 -33.86
N ASP D 255 -16.37 5.40 -34.27
CA ASP D 255 -16.81 4.12 -34.77
C ASP D 255 -16.27 4.10 -36.20
N ALA D 256 -15.85 5.27 -36.65
CA ALA D 256 -15.28 5.45 -37.98
C ALA D 256 -13.77 5.22 -37.92
N GLY D 257 -13.28 4.89 -36.73
CA GLY D 257 -11.86 4.62 -36.53
C GLY D 257 -10.91 5.80 -36.38
N HIS D 258 -11.44 6.99 -36.11
CA HIS D 258 -10.60 8.16 -35.95
C HIS D 258 -10.48 8.54 -34.47
N GLU D 259 -9.38 9.22 -34.11
CA GLU D 259 -9.16 9.60 -32.73
C GLU D 259 -9.98 10.84 -32.37
N VAL D 260 -10.49 10.85 -31.14
CA VAL D 260 -11.30 11.97 -30.69
C VAL D 260 -11.06 12.23 -29.20
N THR D 261 -11.29 13.48 -28.80
CA THR D 261 -11.14 13.87 -27.41
C THR D 261 -12.37 14.65 -27.04
N LYS D 262 -12.77 14.54 -25.79
CA LYS D 262 -13.94 15.22 -25.30
C LYS D 262 -13.67 15.55 -23.85
N GLU D 263 -14.37 16.54 -23.32
CA GLU D 263 -14.26 16.88 -21.92
C GLU D 263 -15.50 16.27 -21.29
N PHE D 264 -15.37 15.78 -20.06
CA PHE D 264 -16.49 15.16 -19.39
C PHE D 264 -16.74 15.83 -18.06
N LEU D 265 -17.94 15.66 -17.53
CA LEU D 265 -18.28 16.27 -16.26
C LEU D 265 -17.80 15.37 -15.13
N PHE D 266 -17.48 15.98 -13.99
CA PHE D 266 -17.04 15.21 -12.84
C PHE D 266 -17.62 15.87 -11.60
N LEU D 267 -17.74 15.12 -10.52
CA LEU D 267 -18.28 15.66 -9.29
C LEU D 267 -17.19 15.89 -8.25
N GLU D 268 -17.55 16.59 -7.16
CA GLU D 268 -16.62 16.86 -6.08
C GLU D 268 -16.31 15.57 -5.31
N ARG D 269 -17.32 14.72 -5.16
CA ARG D 269 -17.17 13.45 -4.43
C ARG D 269 -17.05 13.68 -2.93
CA CA E . 6.98 -1.54 6.94
CA CA F . 4.91 0.64 -8.76
#